data_5Q1F
#
_entry.id   5Q1F
#
_cell.length_a   72.686
_cell.length_b   84.914
_cell.length_c   189.974
_cell.angle_alpha   90.000
_cell.angle_beta   90.000
_cell.angle_gamma   90.000
#
_symmetry.space_group_name_H-M   'C 2 2 21'
#
loop_
_entity.id
_entity.type
_entity.pdbx_description
1 polymer 'Bile acid receptor'
2 polymer 'COACTIVATOR PEPTIDE SRC-1 HD3'
3 non-polymer 'trans-4-({(2S)-2-cyclohexyl-2-[2-(2,6-dimethoxypyridin-3-yl)-5-fluoro-1H-benzimidazol-1-yl]acetyl}amino)cyclohexane-1-carboxylic acid'
4 water water
#
loop_
_entity_poly.entity_id
_entity_poly.type
_entity_poly.pdbx_seq_one_letter_code
_entity_poly.pdbx_strand_id
1 'polypeptide(L)'
;GSHMELTPDQQTLLHFIMDSYNKQRMPQEITNKILKEAFSAEENFLILTEMATNHVQVLVEFTKKLPGFQTLDHEDQIAL
LKGSAVEAMFLRSAEIFNKKLPSGHSDLLEARIRNSGISDEYITPMFSFYKSIGELKMTQEEYALLTAIVILSPDRQYIK
DREAVEKLQEPLLDVLQKLCKIHQPENPQHFACLLGRLTELRTFNHHHAEMLMSWRVNDHKFTPLLCEIWDVQ
;
A,C
2 'polypeptide(L)' KDHQLLRYLLDKDE B,D
#
loop_
_chem_comp.id
_chem_comp.type
_chem_comp.name
_chem_comp.formula
9NJ non-polymer 'trans-4-({(2S)-2-cyclohexyl-2-[2-(2,6-dimethoxypyridin-3-yl)-5-fluoro-1H-benzimidazol-1-yl]acetyl}amino)cyclohexane-1-carboxylic acid' 'C29 H35 F N4 O5'
#
# COMPACT_ATOMS: atom_id res chain seq x y z
N MET A 4 48.61 -9.80 5.64
CA MET A 4 47.88 -9.60 4.39
C MET A 4 46.79 -10.68 4.21
N GLU A 5 47.23 -11.96 4.14
CA GLU A 5 46.39 -13.16 4.01
C GLU A 5 46.01 -13.65 5.42
N LEU A 6 44.95 -14.47 5.53
CA LEU A 6 44.53 -15.02 6.82
C LEU A 6 45.50 -16.11 7.32
N THR A 7 45.81 -16.10 8.62
CA THR A 7 46.68 -17.08 9.27
C THR A 7 45.82 -18.33 9.60
N PRO A 8 46.41 -19.55 9.79
CA PRO A 8 45.55 -20.72 10.12
C PRO A 8 44.67 -20.51 11.36
N ASP A 9 45.17 -19.79 12.39
CA ASP A 9 44.42 -19.44 13.61
C ASP A 9 43.21 -18.57 13.28
N GLN A 10 43.39 -17.60 12.38
CA GLN A 10 42.34 -16.69 11.93
C GLN A 10 41.28 -17.44 11.13
N GLN A 11 41.72 -18.39 10.29
CA GLN A 11 40.85 -19.25 9.49
C GLN A 11 40.02 -20.17 10.38
N THR A 12 40.63 -20.64 11.50
CA THR A 12 39.99 -21.47 12.52
C THR A 12 38.91 -20.63 13.20
N LEU A 13 39.26 -19.40 13.63
CA LEU A 13 38.31 -18.46 14.24
C LEU A 13 37.14 -18.19 13.30
N LEU A 14 37.44 -17.92 12.01
CA LEU A 14 36.47 -17.68 10.95
C LEU A 14 35.49 -18.83 10.74
N HIS A 15 35.98 -20.09 10.60
CA HIS A 15 35.08 -21.24 10.39
C HIS A 15 34.22 -21.52 11.61
N PHE A 16 34.78 -21.29 12.79
CA PHE A 16 34.06 -21.48 14.04
C PHE A 16 32.92 -20.43 14.17
N ILE A 17 33.19 -19.15 13.83
CA ILE A 17 32.20 -18.06 13.85
C ILE A 17 31.10 -18.39 12.82
N MET A 18 31.50 -18.84 11.61
CA MET A 18 30.58 -19.22 10.54
C MET A 18 29.63 -20.36 10.91
N ASP A 19 30.14 -21.40 11.61
CA ASP A 19 29.34 -22.56 12.06
C ASP A 19 28.27 -22.14 13.07
N SER A 20 28.67 -21.35 14.10
CA SER A 20 27.80 -20.83 15.16
C SER A 20 26.72 -19.92 14.56
N TYR A 21 27.10 -19.07 13.58
CA TYR A 21 26.23 -18.13 12.91
C TYR A 21 25.18 -18.80 12.04
N ASN A 22 25.55 -19.92 11.38
CA ASN A 22 24.66 -20.66 10.49
C ASN A 22 23.51 -21.37 11.23
N LYS A 23 23.55 -21.43 12.57
CA LYS A 23 22.50 -22.01 13.40
C LYS A 23 21.22 -21.11 13.44
N GLN A 24 21.21 -20.03 12.64
CA GLN A 24 20.12 -19.08 12.50
C GLN A 24 19.02 -19.57 11.55
N ARG A 25 17.87 -18.86 11.53
CA ARG A 25 16.70 -19.16 10.69
C ARG A 25 17.04 -18.88 9.22
N MET A 26 16.58 -19.74 8.31
CA MET A 26 16.85 -19.62 6.87
C MET A 26 16.27 -18.33 6.25
N PRO A 27 17.09 -17.48 5.55
CA PRO A 27 16.55 -16.24 4.96
C PRO A 27 15.40 -16.46 3.97
N GLN A 28 15.47 -17.56 3.18
CA GLN A 28 14.47 -17.96 2.19
C GLN A 28 13.12 -18.25 2.87
N GLU A 29 13.15 -18.93 4.04
CA GLU A 29 11.98 -19.29 4.86
C GLU A 29 11.18 -18.05 5.30
N ILE A 30 11.89 -17.02 5.80
CA ILE A 30 11.35 -15.75 6.29
C ILE A 30 10.72 -14.91 5.17
N THR A 31 11.46 -14.71 4.04
CA THR A 31 10.98 -13.91 2.90
C THR A 31 9.85 -14.59 2.14
N ASN A 32 9.85 -15.94 2.08
CA ASN A 32 8.77 -16.70 1.42
C ASN A 32 7.45 -16.48 2.13
N LYS A 33 7.45 -16.41 3.49
CA LYS A 33 6.24 -16.19 4.29
C LYS A 33 5.67 -14.77 4.05
N ILE A 34 6.55 -13.74 4.06
CA ILE A 34 6.20 -12.34 3.81
C ILE A 34 5.63 -12.16 2.38
N LEU A 35 6.25 -12.81 1.38
CA LEU A 35 5.84 -12.71 -0.02
C LEU A 35 4.59 -13.54 -0.41
N LYS A 36 4.34 -14.68 0.29
CA LYS A 36 3.22 -15.61 0.05
C LYS A 36 1.85 -14.92 0.01
N GLU A 37 1.55 -14.12 1.04
CA GLU A 37 0.30 -13.38 1.17
C GLU A 37 0.48 -12.16 2.07
N ALA A 38 -0.44 -11.20 1.97
CA ALA A 38 -0.43 -10.00 2.81
C ALA A 38 -1.17 -10.33 4.10
N PHE A 39 -0.61 -9.85 5.21
CA PHE A 39 -1.19 -10.07 6.53
C PHE A 39 -1.60 -8.73 7.11
N SER A 40 -2.47 -8.76 8.12
CA SER A 40 -2.91 -7.55 8.79
C SER A 40 -1.77 -7.06 9.69
N ALA A 41 -1.88 -5.84 10.20
CA ALA A 41 -0.90 -5.25 11.10
C ALA A 41 -0.80 -6.07 12.41
N GLU A 42 -1.92 -6.73 12.80
CA GLU A 42 -2.06 -7.59 13.97
C GLU A 42 -1.30 -8.90 13.79
N GLU A 43 -1.42 -9.53 12.61
CA GLU A 43 -0.72 -10.79 12.29
C GLU A 43 0.77 -10.56 12.19
N ASN A 44 1.18 -9.43 11.57
CA ASN A 44 2.57 -9.00 11.42
C ASN A 44 3.21 -8.65 12.74
N PHE A 45 2.44 -8.07 13.68
CA PHE A 45 2.93 -7.76 15.04
C PHE A 45 3.26 -9.06 15.78
N LEU A 46 2.37 -10.06 15.67
CA LEU A 46 2.53 -11.39 16.27
C LEU A 46 3.74 -12.11 15.64
N ILE A 47 3.91 -11.99 14.29
CA ILE A 47 5.05 -12.58 13.57
C ILE A 47 6.35 -11.94 14.09
N LEU A 48 6.37 -10.60 14.21
CA LEU A 48 7.52 -9.84 14.69
C LEU A 48 7.97 -10.26 16.10
N THR A 49 7.02 -10.35 17.07
CA THR A 49 7.32 -10.74 18.45
C THR A 49 7.89 -12.16 18.57
N GLU A 50 7.39 -13.10 17.75
CA GLU A 50 7.81 -14.49 17.66
C GLU A 50 9.23 -14.57 17.08
N MET A 51 9.48 -13.83 15.96
CA MET A 51 10.78 -13.77 15.27
C MET A 51 11.82 -13.14 16.19
N ALA A 52 11.42 -12.07 16.93
CA ALA A 52 12.30 -11.34 17.87
C ALA A 52 12.63 -12.16 19.11
N THR A 53 11.69 -13.01 19.59
CA THR A 53 11.92 -13.89 20.75
C THR A 53 12.93 -14.99 20.36
N ASN A 54 12.71 -15.64 19.19
CA ASN A 54 13.61 -16.68 18.67
C ASN A 54 15.02 -16.12 18.42
N HIS A 55 15.12 -14.92 17.82
CA HIS A 55 16.38 -14.23 17.52
C HIS A 55 17.22 -14.02 18.78
N VAL A 56 16.59 -13.58 19.91
CA VAL A 56 17.26 -13.36 21.20
C VAL A 56 17.87 -14.69 21.70
N GLN A 57 17.06 -15.76 21.67
CA GLN A 57 17.48 -17.09 22.09
C GLN A 57 18.68 -17.61 21.30
N VAL A 58 18.64 -17.47 19.96
CA VAL A 58 19.71 -17.90 19.05
C VAL A 58 20.96 -17.01 19.28
N LEU A 59 20.76 -15.71 19.53
CA LEU A 59 21.83 -14.74 19.79
C LEU A 59 22.61 -15.07 21.07
N VAL A 60 21.91 -15.46 22.16
CA VAL A 60 22.53 -15.85 23.45
C VAL A 60 23.44 -17.08 23.22
N GLU A 61 22.99 -18.06 22.43
CA GLU A 61 23.79 -19.24 22.10
C GLU A 61 25.02 -18.92 21.27
N PHE A 62 24.90 -18.01 20.27
CA PHE A 62 26.00 -17.54 19.40
C PHE A 62 27.03 -16.77 20.23
N THR A 63 26.55 -15.91 21.14
CA THR A 63 27.36 -15.09 22.05
C THR A 63 28.16 -15.95 23.04
N LYS A 64 27.52 -16.98 23.64
CA LYS A 64 28.18 -17.90 24.58
C LYS A 64 29.34 -18.64 23.92
N LYS A 65 29.25 -18.88 22.60
CA LYS A 65 30.28 -19.55 21.80
C LYS A 65 31.38 -18.58 21.34
N LEU A 66 31.21 -17.25 21.55
CA LEU A 66 32.24 -16.29 21.12
C LEU A 66 33.47 -16.48 22.00
N PRO A 67 34.67 -16.71 21.40
CA PRO A 67 35.87 -16.96 22.23
C PRO A 67 36.14 -15.93 23.31
N GLY A 68 36.24 -16.43 24.53
CA GLY A 68 36.51 -15.66 25.74
C GLY A 68 35.32 -15.04 26.43
N PHE A 69 34.11 -15.11 25.81
CA PHE A 69 32.90 -14.52 26.40
C PHE A 69 32.56 -15.04 27.80
N GLN A 70 32.68 -16.35 28.01
CA GLN A 70 32.38 -16.98 29.31
C GLN A 70 33.37 -16.61 30.44
N THR A 71 34.56 -16.07 30.09
CA THR A 71 35.59 -15.66 31.05
C THR A 71 35.31 -14.26 31.63
N LEU A 72 34.46 -13.47 30.94
CA LEU A 72 34.07 -12.12 31.36
C LEU A 72 33.19 -12.16 32.60
N ASP A 73 33.18 -11.04 33.37
CA ASP A 73 32.33 -10.82 34.55
C ASP A 73 30.86 -11.00 34.14
N HIS A 74 30.09 -11.76 34.95
CA HIS A 74 28.68 -12.09 34.69
C HIS A 74 27.79 -10.88 34.45
N GLU A 75 28.03 -9.76 35.17
CA GLU A 75 27.24 -8.53 35.01
C GLU A 75 27.53 -7.85 33.67
N ASP A 76 28.81 -7.89 33.22
CA ASP A 76 29.25 -7.35 31.93
C ASP A 76 28.70 -8.21 30.78
N GLN A 77 28.57 -9.53 31.02
CA GLN A 77 27.98 -10.47 30.06
C GLN A 77 26.55 -10.06 29.74
N ILE A 78 25.73 -9.73 30.76
CA ILE A 78 24.35 -9.27 30.60
C ILE A 78 24.28 -7.91 29.89
N ALA A 79 25.17 -6.96 30.26
CA ALA A 79 25.22 -5.60 29.69
C ALA A 79 25.53 -5.60 28.16
N LEU A 80 26.44 -6.48 27.72
CA LEU A 80 26.79 -6.67 26.31
C LEU A 80 25.58 -7.23 25.52
N LEU A 81 24.91 -8.23 26.09
CA LEU A 81 23.74 -8.85 25.48
C LEU A 81 22.58 -7.90 25.36
N LYS A 82 22.28 -7.16 26.45
CA LYS A 82 21.22 -6.16 26.45
C LYS A 82 21.51 -4.99 25.49
N GLY A 83 22.79 -4.60 25.41
CA GLY A 83 23.22 -3.50 24.55
C GLY A 83 23.27 -3.81 23.07
N SER A 84 23.42 -5.09 22.71
CA SER A 84 23.55 -5.48 21.29
C SER A 84 22.36 -6.20 20.67
N ALA A 85 21.45 -6.77 21.49
CA ALA A 85 20.31 -7.58 21.01
C ALA A 85 19.50 -6.97 19.86
N VAL A 86 19.04 -5.73 20.01
CA VAL A 86 18.22 -4.99 19.03
C VAL A 86 19.03 -4.67 17.75
N GLU A 87 20.26 -4.15 17.93
CA GLU A 87 21.18 -3.86 16.82
C GLU A 87 21.41 -5.09 15.97
N ALA A 88 21.70 -6.24 16.60
CA ALA A 88 21.97 -7.52 15.94
C ALA A 88 20.74 -8.01 15.18
N MET A 89 19.54 -7.75 15.73
CA MET A 89 18.32 -8.13 15.04
C MET A 89 18.09 -7.29 13.78
N PHE A 90 18.39 -5.96 13.83
CA PHE A 90 18.29 -5.08 12.66
C PHE A 90 19.34 -5.41 11.59
N LEU A 91 20.56 -5.79 12.03
CA LEU A 91 21.64 -6.19 11.12
C LEU A 91 21.24 -7.46 10.39
N ARG A 92 20.59 -8.41 11.10
CA ARG A 92 20.11 -9.65 10.51
C ARG A 92 18.94 -9.40 9.52
N SER A 93 18.09 -8.40 9.78
CA SER A 93 16.97 -8.03 8.89
C SER A 93 17.49 -7.39 7.61
N ALA A 94 18.59 -6.62 7.71
CA ALA A 94 19.25 -5.95 6.60
C ALA A 94 19.87 -7.02 5.69
N GLU A 95 20.48 -8.07 6.30
CA GLU A 95 21.08 -9.19 5.59
C GLU A 95 20.02 -9.91 4.74
N ILE A 96 18.90 -10.29 5.37
CA ILE A 96 17.77 -10.96 4.73
C ILE A 96 17.18 -10.06 3.64
N PHE A 97 17.02 -8.75 3.90
CA PHE A 97 16.49 -7.78 2.95
C PHE A 97 17.30 -7.71 1.63
N ASN A 98 18.63 -7.83 1.71
CA ASN A 98 19.52 -7.69 0.57
C ASN A 98 19.92 -9.00 -0.11
N LYS A 99 19.30 -10.12 0.27
CA LYS A 99 19.54 -11.40 -0.41
C LYS A 99 18.84 -11.34 -1.76
N LYS A 100 19.56 -11.72 -2.84
CA LYS A 100 19.07 -11.70 -4.21
C LYS A 100 17.83 -12.59 -4.35
N LEU A 101 16.83 -12.06 -5.06
CA LEU A 101 15.54 -12.73 -5.27
C LEU A 101 15.10 -12.58 -6.73
N PRO A 102 14.09 -13.36 -7.23
CA PRO A 102 13.65 -13.18 -8.63
C PRO A 102 13.12 -11.76 -8.92
N SER A 103 13.07 -11.37 -10.21
CA SER A 103 12.63 -10.05 -10.69
C SER A 103 11.28 -9.60 -10.09
N GLY A 104 11.30 -8.43 -9.44
CA GLY A 104 10.13 -7.82 -8.82
C GLY A 104 9.82 -8.25 -7.39
N HIS A 105 10.53 -9.27 -6.87
CA HIS A 105 10.32 -9.82 -5.52
C HIS A 105 10.78 -8.89 -4.40
N SER A 106 11.96 -8.25 -4.56
CA SER A 106 12.49 -7.31 -3.55
C SER A 106 11.67 -6.02 -3.47
N ASP A 107 10.94 -5.69 -4.56
CA ASP A 107 10.03 -4.55 -4.65
C ASP A 107 8.78 -4.89 -3.82
N LEU A 108 8.29 -6.15 -3.95
CA LEU A 108 7.14 -6.66 -3.21
C LEU A 108 7.48 -6.84 -1.73
N LEU A 109 8.70 -7.30 -1.42
CA LEU A 109 9.18 -7.48 -0.06
C LEU A 109 9.21 -6.14 0.67
N GLU A 110 9.71 -5.09 -0.01
CA GLU A 110 9.78 -3.72 0.51
C GLU A 110 8.37 -3.17 0.79
N ALA A 111 7.44 -3.31 -0.18
CA ALA A 111 6.03 -2.87 -0.06
C ALA A 111 5.30 -3.56 1.10
N ARG A 112 5.55 -4.87 1.31
CA ARG A 112 4.95 -5.66 2.39
C ARG A 112 5.48 -5.20 3.76
N ILE A 113 6.79 -4.90 3.85
CA ILE A 113 7.42 -4.39 5.07
C ILE A 113 6.92 -2.96 5.36
N ARG A 114 6.72 -2.13 4.30
CA ARG A 114 6.21 -0.75 4.41
C ARG A 114 4.79 -0.72 4.98
N ASN A 115 3.97 -1.73 4.62
CA ASN A 115 2.56 -1.90 5.01
C ASN A 115 2.36 -2.95 6.13
N SER A 116 3.42 -3.27 6.87
CA SER A 116 3.37 -4.27 7.94
C SER A 116 2.62 -3.81 9.20
N GLY A 117 2.61 -2.52 9.48
CA GLY A 117 1.98 -1.97 10.67
C GLY A 117 2.85 -0.98 11.39
N ILE A 118 4.15 -0.95 11.03
CA ILE A 118 5.15 -0.02 11.55
C ILE A 118 4.75 1.43 11.20
N SER A 119 5.02 2.38 12.13
CA SER A 119 4.76 3.81 11.98
C SER A 119 5.66 4.39 10.86
N ASP A 120 5.09 5.22 9.95
CA ASP A 120 5.79 5.81 8.79
C ASP A 120 7.05 6.61 9.13
N GLU A 121 7.09 7.13 10.37
CA GLU A 121 8.17 7.86 11.00
C GLU A 121 9.47 7.00 11.03
N TYR A 122 9.32 5.66 11.12
CA TYR A 122 10.44 4.72 11.18
C TYR A 122 10.75 4.01 9.87
N ILE A 123 9.84 4.08 8.87
CA ILE A 123 9.99 3.44 7.57
C ILE A 123 11.22 3.96 6.78
N THR A 124 11.35 5.28 6.62
CA THR A 124 12.46 5.93 5.88
C THR A 124 13.83 5.64 6.54
N PRO A 125 14.06 5.87 7.87
CA PRO A 125 15.38 5.53 8.44
C PRO A 125 15.76 4.05 8.33
N MET A 126 14.75 3.15 8.43
CA MET A 126 14.92 1.70 8.32
C MET A 126 15.37 1.27 6.93
N PHE A 127 14.70 1.76 5.89
CA PHE A 127 15.06 1.41 4.51
C PHE A 127 16.34 2.07 4.06
N SER A 128 16.69 3.25 4.65
CA SER A 128 17.94 3.94 4.36
C SER A 128 19.12 3.10 4.85
N PHE A 129 18.99 2.51 6.07
CA PHE A 129 19.99 1.61 6.64
C PHE A 129 20.12 0.32 5.82
N TYR A 130 18.98 -0.32 5.50
CA TYR A 130 18.92 -1.56 4.70
C TYR A 130 19.57 -1.38 3.32
N LYS A 131 19.29 -0.24 2.64
CA LYS A 131 19.86 0.06 1.32
C LYS A 131 21.36 0.36 1.42
N SER A 132 21.78 1.07 2.51
CA SER A 132 23.19 1.40 2.81
C SER A 132 23.99 0.12 2.99
N ILE A 133 23.42 -0.88 3.72
CA ILE A 133 24.03 -2.20 3.94
C ILE A 133 24.19 -2.95 2.61
N GLY A 134 23.15 -2.89 1.78
CA GLY A 134 23.11 -3.55 0.47
C GLY A 134 24.14 -3.07 -0.53
N GLU A 135 24.44 -1.75 -0.51
CA GLU A 135 25.44 -1.10 -1.38
C GLU A 135 26.86 -1.63 -1.11
N LEU A 136 27.08 -2.19 0.10
CA LEU A 136 28.36 -2.75 0.52
C LEU A 136 28.64 -4.13 -0.05
N LYS A 137 27.61 -4.81 -0.59
CA LYS A 137 27.71 -6.17 -1.18
C LYS A 137 28.52 -7.13 -0.27
N MET A 138 28.07 -7.21 0.99
CA MET A 138 28.67 -8.01 2.07
C MET A 138 28.48 -9.50 1.88
N THR A 139 29.54 -10.26 2.19
CA THR A 139 29.51 -11.73 2.15
C THR A 139 28.94 -12.23 3.48
N GLN A 140 28.59 -13.52 3.55
CA GLN A 140 28.08 -14.19 4.75
C GLN A 140 29.04 -14.05 5.97
N GLU A 141 30.35 -14.19 5.72
CA GLU A 141 31.43 -14.10 6.71
C GLU A 141 31.53 -12.70 7.31
N GLU A 142 31.30 -11.67 6.48
CA GLU A 142 31.30 -10.26 6.87
C GLU A 142 30.12 -9.93 7.78
N TYR A 143 28.93 -10.52 7.51
CA TYR A 143 27.72 -10.38 8.32
C TYR A 143 27.93 -11.07 9.68
N ALA A 144 28.50 -12.30 9.68
CA ALA A 144 28.80 -13.07 10.89
C ALA A 144 29.80 -12.34 11.79
N LEU A 145 30.93 -11.85 11.22
CA LEU A 145 31.96 -11.11 11.98
C LEU A 145 31.46 -9.75 12.49
N LEU A 146 30.69 -9.00 11.66
CA LEU A 146 30.12 -7.71 12.07
C LEU A 146 29.13 -7.90 13.22
N THR A 147 28.35 -9.01 13.24
CA THR A 147 27.42 -9.32 14.33
C THR A 147 28.22 -9.59 15.61
N ALA A 148 29.29 -10.38 15.51
CA ALA A 148 30.18 -10.69 16.65
C ALA A 148 30.85 -9.42 17.23
N ILE A 149 31.25 -8.48 16.36
CA ILE A 149 31.87 -7.18 16.68
C ILE A 149 30.86 -6.25 17.37
N VAL A 150 29.58 -6.29 16.93
CA VAL A 150 28.46 -5.54 17.51
C VAL A 150 28.21 -6.03 18.96
N ILE A 151 28.21 -7.36 19.19
CA ILE A 151 28.03 -7.96 20.51
C ILE A 151 29.20 -7.61 21.46
N LEU A 152 30.43 -7.71 20.95
CA LEU A 152 31.63 -7.44 21.75
C LEU A 152 32.09 -5.99 21.70
N SER A 153 31.14 -5.04 21.75
CA SER A 153 31.42 -3.60 21.76
C SER A 153 31.77 -3.15 23.18
N PRO A 154 33.05 -2.76 23.44
CA PRO A 154 33.42 -2.33 24.80
C PRO A 154 32.74 -1.03 25.23
N ASP A 155 32.50 -0.12 24.29
CA ASP A 155 31.87 1.18 24.52
C ASP A 155 30.33 1.10 24.70
N ARG A 156 29.86 0.01 25.30
CA ARG A 156 28.47 -0.24 25.65
C ARG A 156 28.23 0.33 27.05
N GLN A 157 26.98 0.71 27.34
CA GLN A 157 26.62 1.29 28.64
C GLN A 157 26.60 0.21 29.73
N TYR A 158 27.08 0.60 30.93
CA TYR A 158 27.15 -0.19 32.18
C TYR A 158 28.28 -1.24 32.19
N ILE A 159 29.23 -1.15 31.24
CA ILE A 159 30.36 -2.07 31.19
C ILE A 159 31.40 -1.65 32.23
N LYS A 160 31.71 -2.55 33.18
CA LYS A 160 32.68 -2.35 34.26
C LYS A 160 34.11 -2.45 33.75
N ASP A 161 34.45 -3.54 33.06
CA ASP A 161 35.79 -3.83 32.54
C ASP A 161 35.81 -3.78 30.98
N ARG A 162 35.97 -2.56 30.43
CA ARG A 162 36.02 -2.26 28.99
C ARG A 162 37.22 -2.90 28.30
N GLU A 163 38.38 -2.98 29.02
CA GLU A 163 39.62 -3.56 28.48
C GLU A 163 39.48 -5.07 28.19
N ALA A 164 38.74 -5.80 29.03
CA ALA A 164 38.50 -7.23 28.86
C ALA A 164 37.66 -7.48 27.59
N VAL A 165 36.71 -6.58 27.29
CA VAL A 165 35.85 -6.65 26.11
C VAL A 165 36.66 -6.30 24.83
N GLU A 166 37.51 -5.25 24.90
CA GLU A 166 38.40 -4.79 23.83
C GLU A 166 39.29 -5.94 23.36
N LYS A 167 39.84 -6.73 24.32
CA LYS A 167 40.70 -7.88 24.04
C LYS A 167 40.05 -8.97 23.21
N LEU A 168 38.71 -9.13 23.35
CA LEU A 168 37.95 -10.13 22.61
C LEU A 168 37.46 -9.63 21.25
N GLN A 169 37.25 -8.29 21.11
CA GLN A 169 36.77 -7.68 19.87
C GLN A 169 37.87 -7.51 18.84
N GLU A 170 39.08 -7.11 19.28
CA GLU A 170 40.26 -6.86 18.44
C GLU A 170 40.59 -8.00 17.47
N PRO A 171 40.70 -9.31 17.87
CA PRO A 171 40.95 -10.36 16.86
C PRO A 171 39.84 -10.53 15.83
N LEU A 172 38.59 -10.18 16.18
CA LEU A 172 37.49 -10.25 15.21
C LEU A 172 37.55 -9.10 14.18
N LEU A 173 37.97 -7.91 14.63
CA LEU A 173 38.19 -6.74 13.78
C LEU A 173 39.33 -6.99 12.79
N ASP A 174 40.40 -7.68 13.23
CA ASP A 174 41.57 -8.02 12.40
C ASP A 174 41.21 -8.95 11.26
N VAL A 175 40.43 -10.01 11.55
CA VAL A 175 39.93 -10.99 10.57
C VAL A 175 39.03 -10.27 9.56
N LEU A 176 38.11 -9.41 10.03
CA LEU A 176 37.19 -8.68 9.16
C LEU A 176 37.95 -7.77 8.19
N GLN A 177 38.94 -7.01 8.69
CA GLN A 177 39.77 -6.12 7.88
C GLN A 177 40.51 -6.89 6.75
N LYS A 178 41.06 -8.09 7.06
CA LYS A 178 41.74 -8.95 6.09
C LYS A 178 40.76 -9.44 5.01
N LEU A 179 39.54 -9.87 5.40
CA LEU A 179 38.49 -10.28 4.47
C LEU A 179 38.10 -9.14 3.54
N CYS A 180 37.99 -7.90 4.08
CA CYS A 180 37.66 -6.71 3.29
C CYS A 180 38.70 -6.44 2.20
N LYS A 181 40.00 -6.58 2.54
CA LYS A 181 41.13 -6.38 1.64
C LYS A 181 41.24 -7.48 0.55
N ILE A 182 40.66 -8.67 0.83
CA ILE A 182 40.65 -9.84 -0.06
C ILE A 182 39.43 -9.84 -0.99
N HIS A 183 38.22 -9.64 -0.44
CA HIS A 183 36.96 -9.65 -1.19
C HIS A 183 36.70 -8.40 -2.03
N GLN A 184 37.35 -7.25 -1.67
CA GLN A 184 37.26 -6.00 -2.41
C GLN A 184 38.60 -5.23 -2.40
N PRO A 185 39.62 -5.69 -3.17
CA PRO A 185 40.91 -4.97 -3.17
C PRO A 185 40.87 -3.63 -3.92
N GLU A 186 39.88 -3.45 -4.81
CA GLU A 186 39.67 -2.22 -5.60
C GLU A 186 39.03 -1.10 -4.75
N ASN A 187 38.34 -1.48 -3.66
CA ASN A 187 37.67 -0.58 -2.73
C ASN A 187 38.42 -0.62 -1.38
N PRO A 188 39.43 0.25 -1.17
CA PRO A 188 40.17 0.21 0.10
C PRO A 188 39.43 0.87 1.27
N GLN A 189 38.30 1.51 0.98
CA GLN A 189 37.44 2.20 1.94
C GLN A 189 36.45 1.24 2.61
N HIS A 190 36.31 0.01 2.05
CA HIS A 190 35.34 -1.00 2.45
C HIS A 190 35.28 -1.32 3.94
N PHE A 191 36.43 -1.53 4.59
CA PHE A 191 36.46 -1.85 6.02
C PHE A 191 35.88 -0.70 6.87
N ALA A 192 36.27 0.55 6.54
CA ALA A 192 35.81 1.77 7.21
C ALA A 192 34.32 1.96 7.01
N CYS A 193 33.84 1.67 5.79
CA CYS A 193 32.43 1.74 5.41
C CYS A 193 31.61 0.83 6.31
N LEU A 194 32.08 -0.43 6.55
CA LEU A 194 31.42 -1.39 7.45
C LEU A 194 31.33 -0.85 8.87
N LEU A 195 32.44 -0.29 9.41
CA LEU A 195 32.48 0.26 10.77
C LEU A 195 31.60 1.50 10.92
N GLY A 196 31.47 2.24 9.82
CA GLY A 196 30.62 3.42 9.68
C GLY A 196 29.15 3.05 9.77
N ARG A 197 28.75 1.98 9.07
CA ARG A 197 27.39 1.44 9.12
C ARG A 197 26.97 1.01 10.57
N LEU A 198 27.96 0.68 11.44
CA LEU A 198 27.71 0.32 12.85
C LEU A 198 27.25 1.50 13.71
N THR A 199 27.67 2.73 13.34
CA THR A 199 27.23 3.93 14.04
C THR A 199 25.81 4.29 13.60
N GLU A 200 25.43 3.92 12.36
CA GLU A 200 24.08 4.10 11.81
C GLU A 200 23.15 3.11 12.50
N LEU A 201 23.68 1.91 12.84
CA LEU A 201 22.96 0.86 13.58
C LEU A 201 22.56 1.40 14.96
N ARG A 202 23.54 1.91 15.73
CA ARG A 202 23.34 2.47 17.07
C ARG A 202 22.19 3.49 17.19
N THR A 203 21.90 4.26 16.12
CA THR A 203 20.83 5.26 16.09
C THR A 203 19.41 4.64 16.04
N PHE A 204 19.30 3.31 15.79
CA PHE A 204 18.04 2.53 15.78
C PHE A 204 17.67 2.09 17.19
N ASN A 205 18.69 1.94 18.02
CA ASN A 205 18.59 1.56 19.42
C ASN A 205 17.92 2.61 20.29
N HIS A 206 17.84 3.85 19.78
CA HIS A 206 17.27 4.94 20.55
C HIS A 206 15.75 4.90 20.57
N HIS A 207 15.12 4.50 19.45
CA HIS A 207 13.67 4.47 19.32
C HIS A 207 13.05 3.07 19.11
N HIS A 208 13.73 1.98 19.52
CA HIS A 208 13.25 0.59 19.35
C HIS A 208 11.93 0.30 20.11
N ALA A 209 11.82 0.78 21.36
CA ALA A 209 10.64 0.60 22.20
C ALA A 209 9.42 1.26 21.55
N GLU A 210 9.61 2.51 21.05
CA GLU A 210 8.62 3.31 20.32
C GLU A 210 8.17 2.61 19.03
N MET A 211 9.11 1.94 18.32
CA MET A 211 8.83 1.21 17.07
C MET A 211 7.84 0.08 17.30
N LEU A 212 7.87 -0.54 18.49
CA LEU A 212 6.94 -1.60 18.84
C LEU A 212 5.64 -1.04 19.39
N MET A 213 5.72 0.01 20.23
CA MET A 213 4.54 0.64 20.84
C MET A 213 3.68 1.41 19.84
N SER A 214 4.31 1.99 18.80
CA SER A 214 3.60 2.76 17.77
C SER A 214 3.06 1.90 16.61
N TRP A 215 3.23 0.58 16.71
CA TRP A 215 2.74 -0.35 15.70
C TRP A 215 1.21 -0.22 15.64
N ARG A 216 0.62 -0.19 14.42
CA ARG A 216 -0.81 0.03 14.17
C ARG A 216 -1.73 -1.11 14.62
N VAL A 217 -1.68 -1.43 15.92
CA VAL A 217 -2.51 -2.44 16.59
C VAL A 217 -3.10 -1.83 17.89
N ASN A 218 -4.20 -2.41 18.42
CA ASN A 218 -4.83 -1.91 19.64
C ASN A 218 -4.16 -2.44 20.91
N ASP A 219 -3.65 -3.69 20.86
CA ASP A 219 -3.02 -4.37 21.97
C ASP A 219 -1.58 -4.74 21.62
N HIS A 220 -0.62 -4.30 22.43
CA HIS A 220 0.79 -4.60 22.22
C HIS A 220 1.25 -5.60 23.27
N LYS A 221 0.99 -6.88 23.01
CA LYS A 221 1.34 -7.98 23.91
C LYS A 221 2.74 -8.52 23.58
N PHE A 222 3.60 -8.61 24.60
CA PHE A 222 4.96 -9.15 24.45
C PHE A 222 5.23 -10.30 25.43
N THR A 223 6.20 -11.15 25.08
CA THR A 223 6.65 -12.27 25.91
C THR A 223 7.54 -11.71 27.04
N PRO A 224 7.63 -12.36 28.22
CA PRO A 224 8.50 -11.82 29.29
C PRO A 224 9.97 -11.58 28.88
N LEU A 225 10.51 -12.42 28.00
CA LEU A 225 11.89 -12.30 27.50
C LEU A 225 12.06 -11.04 26.62
N LEU A 226 11.03 -10.69 25.84
CA LEU A 226 11.06 -9.51 24.98
C LEU A 226 11.02 -8.24 25.80
N CYS A 227 10.22 -8.25 26.88
CA CYS A 227 10.11 -7.11 27.80
C CYS A 227 11.47 -6.76 28.41
N GLU A 228 12.32 -7.78 28.65
CA GLU A 228 13.65 -7.62 29.24
C GLU A 228 14.66 -7.04 28.26
N ILE A 229 14.64 -7.52 27.00
CA ILE A 229 15.59 -7.14 25.94
C ILE A 229 15.18 -5.82 25.26
N TRP A 230 13.92 -5.70 24.85
CA TRP A 230 13.39 -4.46 24.28
C TRP A 230 12.83 -3.76 25.50
N ASP A 231 12.89 -2.46 25.61
CA ASP A 231 12.44 -1.91 26.91
C ASP A 231 10.96 -1.53 26.89
N VAL A 232 10.11 -2.57 26.84
CA VAL A 232 8.65 -2.50 26.72
C VAL A 232 7.92 -3.18 27.90
N ASP B 2 15.94 -6.56 36.53
CA ASP B 2 16.98 -7.46 37.03
C ASP B 2 17.44 -8.51 35.98
N HIS B 3 16.81 -8.54 34.78
CA HIS B 3 17.11 -9.43 33.65
C HIS B 3 17.22 -10.92 34.04
N GLN B 4 16.24 -11.43 34.80
CA GLN B 4 16.18 -12.80 35.31
C GLN B 4 16.25 -13.88 34.22
N LEU B 5 15.48 -13.71 33.11
CA LEU B 5 15.46 -14.67 31.99
C LEU B 5 16.77 -14.67 31.22
N LEU B 6 17.38 -13.49 31.02
CA LEU B 6 18.65 -13.35 30.32
C LEU B 6 19.76 -13.98 31.15
N ARG B 7 19.77 -13.70 32.49
CA ARG B 7 20.71 -14.26 33.48
C ARG B 7 20.60 -15.79 33.47
N TYR B 8 19.36 -16.33 33.43
CA TYR B 8 19.11 -17.75 33.37
C TYR B 8 19.63 -18.36 32.06
N LEU B 9 19.36 -17.70 30.91
CA LEU B 9 19.82 -18.14 29.58
C LEU B 9 21.34 -18.15 29.45
N LEU B 10 22.04 -17.31 30.22
CA LEU B 10 23.50 -17.23 30.23
C LEU B 10 24.15 -18.25 31.15
N ASP B 11 23.58 -18.45 32.35
CA ASP B 11 24.16 -19.32 33.39
C ASP B 11 23.90 -20.82 33.17
N LYS B 12 22.75 -21.21 32.58
CA LYS B 12 22.41 -22.62 32.29
C LYS B 12 21.61 -22.77 30.99
N GLU C 5 -3.63 6.61 6.71
CA GLU C 5 -4.92 6.15 7.21
C GLU C 5 -5.96 7.27 7.14
N LEU C 6 -7.26 6.92 7.05
CA LEU C 6 -8.33 7.91 7.04
C LEU C 6 -8.54 8.53 8.41
N THR C 7 -8.75 9.85 8.46
CA THR C 7 -9.01 10.58 9.70
C THR C 7 -10.53 10.44 10.03
N PRO C 8 -10.99 10.61 11.30
CA PRO C 8 -12.43 10.49 11.57
C PRO C 8 -13.32 11.40 10.70
N ASP C 9 -12.85 12.63 10.40
CA ASP C 9 -13.53 13.60 9.53
C ASP C 9 -13.68 13.05 8.11
N GLN C 10 -12.62 12.40 7.59
CA GLN C 10 -12.61 11.78 6.26
C GLN C 10 -13.56 10.59 6.20
N GLN C 11 -13.61 9.80 7.29
CA GLN C 11 -14.51 8.65 7.43
C GLN C 11 -15.97 9.12 7.48
N THR C 12 -16.22 10.29 8.12
CA THR C 12 -17.53 10.94 8.21
C THR C 12 -17.96 11.38 6.79
N LEU C 13 -17.04 12.05 6.05
CA LEU C 13 -17.26 12.47 4.67
C LEU C 13 -17.59 11.25 3.80
N LEU C 14 -16.79 10.16 3.95
CA LEU C 14 -16.96 8.89 3.25
C LEU C 14 -18.32 8.24 3.48
N HIS C 15 -18.78 8.10 4.76
CA HIS C 15 -20.08 7.49 5.05
C HIS C 15 -21.24 8.34 4.54
N PHE C 16 -21.08 9.66 4.57
CA PHE C 16 -22.08 10.60 4.04
C PHE C 16 -22.19 10.46 2.51
N ILE C 17 -21.05 10.37 1.78
CA ILE C 17 -21.01 10.18 0.32
C ILE C 17 -21.65 8.82 -0.03
N MET C 18 -21.31 7.78 0.75
CA MET C 18 -21.83 6.43 0.57
C MET C 18 -23.35 6.34 0.73
N ASP C 19 -23.92 7.05 1.73
CA ASP C 19 -25.36 7.08 1.99
C ASP C 19 -26.12 7.73 0.83
N SER C 20 -25.65 8.90 0.36
CA SER C 20 -26.22 9.66 -0.78
C SER C 20 -26.17 8.83 -2.06
N TYR C 21 -25.04 8.13 -2.29
CA TYR C 21 -24.79 7.30 -3.46
C TYR C 21 -25.67 6.07 -3.51
N ASN C 22 -25.96 5.46 -2.33
CA ASN C 22 -26.78 4.24 -2.24
C ASN C 22 -28.27 4.48 -2.57
N LYS C 23 -28.69 5.75 -2.72
CA LYS C 23 -30.05 6.12 -3.09
C LYS C 23 -30.34 5.80 -4.58
N GLN C 24 -29.38 5.16 -5.27
CA GLN C 24 -29.45 4.74 -6.68
C GLN C 24 -30.25 3.45 -6.88
N ARG C 25 -30.56 3.15 -8.18
CA ARG C 25 -31.30 1.95 -8.61
C ARG C 25 -30.41 0.71 -8.40
N MET C 26 -31.01 -0.39 -7.91
CA MET C 26 -30.29 -1.64 -7.63
C MET C 26 -29.65 -2.28 -8.89
N PRO C 27 -28.32 -2.56 -8.89
CA PRO C 27 -27.68 -3.17 -10.07
C PRO C 27 -28.30 -4.49 -10.51
N GLN C 28 -28.73 -5.33 -9.54
CA GLN C 28 -29.38 -6.62 -9.77
C GLN C 28 -30.71 -6.45 -10.54
N GLU C 29 -31.50 -5.42 -10.19
CA GLU C 29 -32.78 -5.06 -10.80
C GLU C 29 -32.64 -4.76 -12.32
N ILE C 30 -31.62 -3.95 -12.68
CA ILE C 30 -31.29 -3.53 -14.04
C ILE C 30 -30.82 -4.71 -14.93
N THR C 31 -29.85 -5.51 -14.43
CA THR C 31 -29.29 -6.66 -15.15
C THR C 31 -30.29 -7.80 -15.29
N ASN C 32 -31.18 -8.00 -14.29
CA ASN C 32 -32.22 -9.03 -14.35
C ASN C 32 -33.19 -8.76 -15.50
N LYS C 33 -33.54 -7.48 -15.75
CA LYS C 33 -34.44 -7.09 -16.84
C LYS C 33 -33.81 -7.37 -18.22
N ILE C 34 -32.52 -6.99 -18.40
CA ILE C 34 -31.74 -7.19 -19.62
C ILE C 34 -31.58 -8.70 -19.92
N LEU C 35 -31.29 -9.51 -18.87
CA LEU C 35 -31.10 -10.96 -18.99
C LEU C 35 -32.38 -11.79 -19.16
N LYS C 36 -33.53 -11.32 -18.60
CA LYS C 36 -34.85 -12.00 -18.64
C LYS C 36 -35.30 -12.40 -20.05
N GLU C 37 -35.26 -11.45 -20.99
CA GLU C 37 -35.64 -11.65 -22.39
C GLU C 37 -34.96 -10.63 -23.30
N ALA C 38 -34.92 -10.93 -24.60
CA ALA C 38 -34.36 -10.05 -25.61
C ALA C 38 -35.45 -9.09 -26.06
N PHE C 39 -35.10 -7.83 -26.24
CA PHE C 39 -36.03 -6.79 -26.68
C PHE C 39 -35.58 -6.26 -28.03
N SER C 40 -36.48 -5.59 -28.75
CA SER C 40 -36.16 -4.97 -30.04
C SER C 40 -35.33 -3.70 -29.77
N ALA C 41 -34.73 -3.12 -30.82
CA ALA C 41 -33.95 -1.89 -30.73
C ALA C 41 -34.83 -0.73 -30.27
N GLU C 42 -36.15 -0.78 -30.61
CA GLU C 42 -37.18 0.20 -30.25
C GLU C 42 -37.50 0.15 -28.76
N GLU C 43 -37.65 -1.08 -28.20
CA GLU C 43 -37.94 -1.29 -26.78
C GLU C 43 -36.76 -0.87 -25.93
N ASN C 44 -35.52 -1.21 -26.39
CA ASN C 44 -34.26 -0.87 -25.74
C ASN C 44 -34.00 0.62 -25.76
N PHE C 45 -34.41 1.32 -26.85
CA PHE C 45 -34.27 2.78 -26.94
C PHE C 45 -35.15 3.46 -25.88
N LEU C 46 -36.39 2.97 -25.72
CA LEU C 46 -37.36 3.44 -24.73
C LEU C 46 -36.85 3.15 -23.31
N ILE C 47 -36.24 1.94 -23.09
CA ILE C 47 -35.67 1.55 -21.78
C ILE C 47 -34.51 2.50 -21.45
N LEU C 48 -33.62 2.77 -22.44
CA LEU C 48 -32.48 3.67 -22.28
C LEU C 48 -32.89 5.09 -21.85
N THR C 49 -33.88 5.69 -22.55
CA THR C 49 -34.37 7.07 -22.25
C THR C 49 -35.00 7.17 -20.85
N GLU C 50 -35.71 6.12 -20.40
CA GLU C 50 -36.34 6.00 -19.08
C GLU C 50 -35.28 5.88 -17.99
N MET C 51 -34.28 5.00 -18.22
CA MET C 51 -33.16 4.77 -17.30
C MET C 51 -32.32 6.03 -17.15
N ALA C 52 -32.11 6.73 -18.28
CA ALA C 52 -31.36 7.97 -18.37
C ALA C 52 -32.08 9.09 -17.62
N THR C 53 -33.43 9.23 -17.80
CA THR C 53 -34.25 10.25 -17.13
C THR C 53 -34.16 10.08 -15.61
N ASN C 54 -34.36 8.85 -15.12
CA ASN C 54 -34.27 8.53 -13.70
C ASN C 54 -32.89 8.83 -13.14
N HIS C 55 -31.83 8.44 -13.88
CA HIS C 55 -30.46 8.67 -13.49
C HIS C 55 -30.15 10.15 -13.29
N VAL C 56 -30.62 11.03 -14.21
CA VAL C 56 -30.42 12.49 -14.10
C VAL C 56 -31.04 13.00 -12.79
N GLN C 57 -32.28 12.58 -12.50
CA GLN C 57 -32.99 12.97 -11.28
C GLN C 57 -32.24 12.56 -10.02
N VAL C 58 -31.75 11.31 -9.97
CA VAL C 58 -30.98 10.76 -8.84
C VAL C 58 -29.61 11.50 -8.72
N LEU C 59 -28.98 11.81 -9.87
CA LEU C 59 -27.70 12.53 -9.93
C LEU C 59 -27.81 13.95 -9.35
N VAL C 60 -28.90 14.70 -9.67
CA VAL C 60 -29.13 16.05 -9.16
C VAL C 60 -29.23 16.02 -7.64
N GLU C 61 -29.92 15.01 -7.07
CA GLU C 61 -30.05 14.84 -5.61
C GLU C 61 -28.72 14.55 -4.94
N PHE C 62 -27.89 13.68 -5.56
CA PHE C 62 -26.55 13.31 -5.06
C PHE C 62 -25.62 14.52 -5.09
N THR C 63 -25.68 15.30 -6.19
CA THR C 63 -24.88 16.52 -6.41
C THR C 63 -25.22 17.61 -5.40
N LYS C 64 -26.53 17.84 -5.14
CA LYS C 64 -26.99 18.85 -4.17
C LYS C 64 -26.45 18.55 -2.76
N LYS C 65 -26.26 17.26 -2.44
CA LYS C 65 -25.76 16.80 -1.15
C LYS C 65 -24.22 16.84 -1.07
N LEU C 66 -23.52 17.10 -2.20
CA LEU C 66 -22.05 17.17 -2.19
C LEU C 66 -21.62 18.40 -1.39
N PRO C 67 -20.76 18.23 -0.36
CA PRO C 67 -20.38 19.38 0.49
C PRO C 67 -19.90 20.61 -0.27
N GLY C 68 -20.56 21.72 -0.01
CA GLY C 68 -20.27 23.02 -0.60
C GLY C 68 -20.89 23.32 -1.94
N PHE C 69 -21.54 22.34 -2.59
CA PHE C 69 -22.15 22.52 -3.92
C PHE C 69 -23.19 23.67 -3.97
N GLN C 70 -24.05 23.78 -2.95
CA GLN C 70 -25.07 24.81 -2.88
C GLN C 70 -24.54 26.24 -2.68
N THR C 71 -23.26 26.37 -2.24
CA THR C 71 -22.60 27.68 -2.02
C THR C 71 -22.05 28.27 -3.33
N LEU C 72 -21.88 27.43 -4.37
CA LEU C 72 -21.38 27.83 -5.70
C LEU C 72 -22.40 28.69 -6.44
N ASP C 73 -21.91 29.51 -7.39
CA ASP C 73 -22.73 30.36 -8.27
C ASP C 73 -23.72 29.46 -9.04
N HIS C 74 -25.00 29.89 -9.11
CA HIS C 74 -26.09 29.13 -9.74
C HIS C 74 -25.82 28.74 -11.20
N GLU C 75 -25.15 29.61 -11.97
CA GLU C 75 -24.83 29.33 -13.37
C GLU C 75 -23.75 28.24 -13.49
N ASP C 76 -22.77 28.25 -12.56
CA ASP C 76 -21.70 27.26 -12.47
C ASP C 76 -22.27 25.91 -12.03
N GLN C 77 -23.31 25.94 -11.16
CA GLN C 77 -24.03 24.75 -10.70
C GLN C 77 -24.63 23.99 -11.89
N ILE C 78 -25.28 24.72 -12.83
CA ILE C 78 -25.88 24.15 -14.04
C ILE C 78 -24.79 23.59 -14.99
N ALA C 79 -23.69 24.34 -15.17
CA ALA C 79 -22.58 23.96 -16.06
C ALA C 79 -21.88 22.65 -15.61
N LEU C 80 -21.71 22.45 -14.30
CA LEU C 80 -21.14 21.23 -13.72
C LEU C 80 -22.06 20.03 -13.97
N LEU C 81 -23.38 20.22 -13.75
CA LEU C 81 -24.39 19.19 -13.96
C LEU C 81 -24.49 18.79 -15.41
N LYS C 82 -24.55 19.77 -16.31
CA LYS C 82 -24.59 19.51 -17.76
C LYS C 82 -23.32 18.85 -18.27
N GLY C 83 -22.17 19.24 -17.72
CA GLY C 83 -20.88 18.71 -18.11
C GLY C 83 -20.57 17.31 -17.62
N SER C 84 -21.21 16.89 -16.51
CA SER C 84 -20.92 15.59 -15.91
C SER C 84 -22.01 14.51 -16.04
N ALA C 85 -23.28 14.91 -16.33
CA ALA C 85 -24.42 13.98 -16.43
C ALA C 85 -24.17 12.71 -17.25
N VAL C 86 -23.71 12.82 -18.52
CA VAL C 86 -23.43 11.70 -19.44
C VAL C 86 -22.28 10.83 -18.91
N GLU C 87 -21.17 11.47 -18.50
CA GLU C 87 -20.00 10.79 -17.96
C GLU C 87 -20.34 9.94 -16.74
N ALA C 88 -21.13 10.50 -15.82
CA ALA C 88 -21.59 9.83 -14.59
C ALA C 88 -22.52 8.67 -14.91
N MET C 89 -23.31 8.79 -16.00
CA MET C 89 -24.19 7.71 -16.42
C MET C 89 -23.37 6.54 -16.97
N PHE C 90 -22.31 6.81 -17.75
CA PHE C 90 -21.41 5.77 -18.29
C PHE C 90 -20.60 5.10 -17.19
N LEU C 91 -20.15 5.89 -16.17
CA LEU C 91 -19.41 5.35 -15.04
C LEU C 91 -20.31 4.40 -14.23
N ARG C 92 -21.61 4.76 -14.09
CA ARG C 92 -22.59 3.92 -13.40
C ARG C 92 -22.89 2.62 -14.18
N SER C 93 -22.88 2.68 -15.52
CA SER C 93 -23.10 1.51 -16.39
C SER C 93 -21.93 0.56 -16.32
N ALA C 94 -20.71 1.09 -16.18
CA ALA C 94 -19.46 0.33 -16.05
C ALA C 94 -19.48 -0.42 -14.72
N GLU C 95 -19.96 0.25 -13.65
CA GLU C 95 -20.08 -0.33 -12.31
C GLU C 95 -21.01 -1.54 -12.35
N ILE C 96 -22.24 -1.36 -12.91
CA ILE C 96 -23.25 -2.41 -13.06
C ILE C 96 -22.71 -3.55 -13.94
N PHE C 97 -22.03 -3.22 -15.05
CA PHE C 97 -21.43 -4.20 -15.96
C PHE C 97 -20.45 -5.16 -15.26
N ASN C 98 -19.65 -4.65 -14.31
CA ASN C 98 -18.59 -5.41 -13.65
C ASN C 98 -19.00 -6.05 -12.31
N LYS C 99 -20.30 -6.02 -11.97
CA LYS C 99 -20.79 -6.70 -10.76
C LYS C 99 -20.82 -8.20 -11.06
N LYS C 100 -20.26 -9.01 -10.14
CA LYS C 100 -20.18 -10.47 -10.24
C LYS C 100 -21.57 -11.07 -10.41
N LEU C 101 -21.69 -12.02 -11.36
CA LEU C 101 -22.94 -12.70 -11.69
C LEU C 101 -22.70 -14.21 -11.85
N PRO C 102 -23.75 -15.08 -11.87
CA PRO C 102 -23.52 -16.52 -12.08
C PRO C 102 -22.83 -16.83 -13.43
N SER C 103 -22.22 -18.02 -13.55
CA SER C 103 -21.49 -18.47 -14.74
C SER C 103 -22.27 -18.32 -16.06
N GLY C 104 -21.68 -17.58 -17.00
CA GLY C 104 -22.26 -17.33 -18.32
C GLY C 104 -23.19 -16.13 -18.43
N HIS C 105 -23.56 -15.51 -17.30
CA HIS C 105 -24.47 -14.36 -17.25
C HIS C 105 -23.87 -13.07 -17.82
N SER C 106 -22.60 -12.78 -17.48
CA SER C 106 -21.92 -11.57 -17.98
C SER C 106 -21.63 -11.64 -19.48
N ASP C 107 -21.56 -12.87 -20.03
CA ASP C 107 -21.38 -13.15 -21.45
C ASP C 107 -22.70 -12.81 -22.17
N LEU C 108 -23.84 -13.21 -21.56
CA LEU C 108 -25.17 -12.94 -22.07
C LEU C 108 -25.52 -11.46 -21.96
N LEU C 109 -25.12 -10.80 -20.85
CA LEU C 109 -25.34 -9.38 -20.61
C LEU C 109 -24.62 -8.56 -21.69
N GLU C 110 -23.37 -8.93 -22.01
CA GLU C 110 -22.54 -8.29 -23.04
C GLU C 110 -23.21 -8.42 -24.42
N ALA C 111 -23.64 -9.65 -24.80
CA ALA C 111 -24.31 -9.95 -26.06
C ALA C 111 -25.63 -9.17 -26.25
N ARG C 112 -26.40 -9.02 -25.15
CA ARG C 112 -27.67 -8.28 -25.16
C ARG C 112 -27.42 -6.76 -25.35
N ILE C 113 -26.36 -6.22 -24.73
CA ILE C 113 -25.98 -4.82 -24.87
C ILE C 113 -25.41 -4.58 -26.31
N ARG C 114 -24.69 -5.55 -26.90
CA ARG C 114 -24.15 -5.49 -28.27
C ARG C 114 -25.26 -5.45 -29.34
N ASN C 115 -26.39 -6.13 -29.04
CA ASN C 115 -27.57 -6.23 -29.89
C ASN C 115 -28.73 -5.30 -29.44
N SER C 116 -28.42 -4.28 -28.62
CA SER C 116 -29.44 -3.37 -28.10
C SER C 116 -30.03 -2.39 -29.14
N GLY C 117 -29.24 -2.01 -30.14
CA GLY C 117 -29.65 -1.04 -31.15
C GLY C 117 -28.61 0.03 -31.40
N ILE C 118 -27.62 0.11 -30.50
CA ILE C 118 -26.48 1.03 -30.58
C ILE C 118 -25.65 0.71 -31.85
N SER C 119 -25.11 1.76 -32.50
CA SER C 119 -24.26 1.67 -33.70
C SER C 119 -22.94 0.96 -33.33
N ASP C 120 -22.50 -0.04 -34.15
CA ASP C 120 -21.27 -0.86 -33.94
C ASP C 120 -19.97 -0.03 -33.75
N GLU C 121 -19.97 1.21 -34.29
CA GLU C 121 -18.94 2.22 -34.20
C GLU C 121 -18.66 2.57 -32.71
N TYR C 122 -19.69 2.50 -31.86
CA TYR C 122 -19.59 2.83 -30.43
C TYR C 122 -19.49 1.63 -29.49
N ILE C 123 -19.74 0.39 -29.96
CA ILE C 123 -19.72 -0.82 -29.13
C ILE C 123 -18.31 -1.15 -28.62
N THR C 124 -17.28 -1.14 -29.51
CA THR C 124 -15.89 -1.43 -29.14
C THR C 124 -15.34 -0.39 -28.13
N PRO C 125 -15.42 0.95 -28.35
CA PRO C 125 -14.93 1.89 -27.32
C PRO C 125 -15.65 1.76 -25.96
N MET C 126 -16.95 1.45 -25.99
CA MET C 126 -17.79 1.29 -24.80
C MET C 126 -17.36 0.08 -23.97
N PHE C 127 -17.17 -1.08 -24.61
CA PHE C 127 -16.75 -2.29 -23.90
C PHE C 127 -15.30 -2.23 -23.46
N SER C 128 -14.46 -1.46 -24.19
CA SER C 128 -13.04 -1.25 -23.84
C SER C 128 -12.97 -0.48 -22.52
N PHE C 129 -13.82 0.56 -22.34
CA PHE C 129 -13.90 1.35 -21.13
C PHE C 129 -14.45 0.50 -19.97
N TYR C 130 -15.55 -0.24 -20.19
CA TYR C 130 -16.18 -1.13 -19.21
C TYR C 130 -15.19 -2.19 -18.68
N LYS C 131 -14.42 -2.83 -19.59
CA LYS C 131 -13.42 -3.84 -19.23
C LYS C 131 -12.24 -3.21 -18.49
N SER C 132 -11.81 -2.00 -18.89
CA SER C 132 -10.74 -1.23 -18.28
C SER C 132 -11.11 -0.88 -16.84
N ILE C 133 -12.38 -0.48 -16.59
CA ILE C 133 -12.92 -0.16 -15.27
C ILE C 133 -12.90 -1.43 -14.39
N GLY C 134 -13.31 -2.57 -14.95
CA GLY C 134 -13.36 -3.86 -14.28
C GLY C 134 -12.03 -4.38 -13.79
N GLU C 135 -10.96 -4.16 -14.58
CA GLU C 135 -9.57 -4.57 -14.28
C GLU C 135 -9.03 -3.87 -13.02
N LEU C 136 -9.63 -2.71 -12.67
CA LEU C 136 -9.26 -1.92 -11.50
C LEU C 136 -9.81 -2.49 -10.20
N LYS C 137 -10.78 -3.42 -10.26
CA LYS C 137 -11.40 -4.06 -9.09
C LYS C 137 -11.77 -3.03 -8.00
N MET C 138 -12.54 -2.02 -8.43
CA MET C 138 -13.01 -0.90 -7.64
C MET C 138 -14.07 -1.30 -6.65
N THR C 139 -13.98 -0.75 -5.44
CA THR C 139 -14.95 -0.95 -4.37
C THR C 139 -16.10 0.05 -4.58
N GLN C 140 -17.22 -0.13 -3.85
CA GLN C 140 -18.37 0.76 -3.90
C GLN C 140 -18.02 2.22 -3.57
N GLU C 141 -17.14 2.42 -2.56
CA GLU C 141 -16.67 3.73 -2.10
C GLU C 141 -15.86 4.46 -3.16
N GLU C 142 -15.07 3.70 -3.95
CA GLU C 142 -14.25 4.22 -5.03
C GLU C 142 -15.13 4.72 -6.19
N TYR C 143 -16.23 3.99 -6.49
CA TYR C 143 -17.22 4.35 -7.52
C TYR C 143 -17.94 5.63 -7.09
N ALA C 144 -18.38 5.70 -5.81
CA ALA C 144 -19.07 6.85 -5.22
C ALA C 144 -18.19 8.12 -5.26
N LEU C 145 -16.92 8.02 -4.80
CA LEU C 145 -15.98 9.13 -4.81
C LEU C 145 -15.57 9.58 -6.21
N LEU C 146 -15.33 8.63 -7.14
CA LEU C 146 -14.99 8.94 -8.54
C LEU C 146 -16.14 9.68 -9.24
N THR C 147 -17.41 9.31 -8.92
CA THR C 147 -18.60 9.98 -9.48
C THR C 147 -18.63 11.43 -8.96
N ALA C 148 -18.39 11.62 -7.65
CA ALA C 148 -18.35 12.94 -7.02
C ALA C 148 -17.25 13.84 -7.61
N ILE C 149 -16.09 13.26 -7.92
CA ILE C 149 -14.91 13.91 -8.51
C ILE C 149 -15.19 14.32 -9.97
N VAL C 150 -15.94 13.47 -10.71
CA VAL C 150 -16.39 13.71 -12.09
C VAL C 150 -17.34 14.94 -12.12
N ILE C 151 -18.30 15.01 -11.16
CA ILE C 151 -19.25 16.12 -11.04
C ILE C 151 -18.53 17.43 -10.69
N LEU C 152 -17.59 17.37 -9.74
CA LEU C 152 -16.88 18.55 -9.28
C LEU C 152 -15.57 18.81 -10.04
N SER C 153 -15.61 18.65 -11.39
CA SER C 153 -14.48 18.90 -12.28
C SER C 153 -14.37 20.40 -12.63
N PRO C 154 -13.22 21.07 -12.34
CA PRO C 154 -13.13 22.51 -12.62
C PRO C 154 -12.85 22.86 -14.08
N ASP C 155 -12.32 21.89 -14.84
CA ASP C 155 -11.94 21.98 -16.24
C ASP C 155 -13.16 21.95 -17.18
N ARG C 156 -14.36 22.00 -16.60
CA ARG C 156 -15.62 21.91 -17.33
C ARG C 156 -15.88 23.18 -18.13
N GLN C 157 -16.59 23.07 -19.25
CA GLN C 157 -16.91 24.19 -20.13
C GLN C 157 -17.93 25.14 -19.48
N TYR C 158 -17.73 26.47 -19.67
CA TYR C 158 -18.55 27.59 -19.19
C TYR C 158 -18.46 27.86 -17.69
N ILE C 159 -17.45 27.29 -17.00
CA ILE C 159 -17.25 27.53 -15.57
C ILE C 159 -16.61 28.91 -15.37
N LYS C 160 -17.29 29.79 -14.62
CA LYS C 160 -16.85 31.16 -14.31
C LYS C 160 -15.76 31.15 -13.23
N ASP C 161 -16.03 30.48 -12.08
CA ASP C 161 -15.13 30.41 -10.93
C ASP C 161 -14.59 28.98 -10.74
N ARG C 162 -13.52 28.68 -11.49
CA ARG C 162 -12.77 27.43 -11.54
C ARG C 162 -12.21 27.02 -10.17
N GLU C 163 -11.65 28.00 -9.42
CA GLU C 163 -11.02 27.81 -8.11
C GLU C 163 -12.00 27.38 -7.02
N ALA C 164 -13.25 27.88 -7.06
CA ALA C 164 -14.29 27.50 -6.11
C ALA C 164 -14.66 26.01 -6.26
N VAL C 165 -14.68 25.50 -7.51
CA VAL C 165 -14.97 24.09 -7.83
C VAL C 165 -13.81 23.21 -7.36
N GLU C 166 -12.57 23.67 -7.62
CA GLU C 166 -11.32 23.02 -7.24
C GLU C 166 -11.28 22.73 -5.73
N LYS C 167 -11.66 23.73 -4.90
CA LYS C 167 -11.73 23.67 -3.43
C LYS C 167 -12.64 22.56 -2.89
N LEU C 168 -13.69 22.22 -3.63
CA LEU C 168 -14.66 21.18 -3.27
C LEU C 168 -14.22 19.79 -3.73
N GLN C 169 -13.45 19.71 -4.83
CA GLN C 169 -12.98 18.44 -5.40
C GLN C 169 -11.78 17.88 -4.64
N GLU C 170 -10.84 18.75 -4.20
CA GLU C 170 -9.61 18.39 -3.47
C GLU C 170 -9.85 17.47 -2.26
N PRO C 171 -10.77 17.75 -1.29
CA PRO C 171 -10.98 16.78 -0.19
C PRO C 171 -11.50 15.41 -0.63
N LEU C 172 -12.23 15.35 -1.76
CA LEU C 172 -12.73 14.08 -2.28
C LEU C 172 -11.58 13.26 -2.94
N LEU C 173 -10.65 13.96 -3.61
CA LEU C 173 -9.44 13.37 -4.22
C LEU C 173 -8.53 12.78 -3.14
N ASP C 174 -8.39 13.48 -1.98
CA ASP C 174 -7.57 13.06 -0.84
C ASP C 174 -8.07 11.75 -0.23
N VAL C 175 -9.39 11.64 0.00
CA VAL C 175 -10.07 10.45 0.53
C VAL C 175 -9.88 9.28 -0.45
N LEU C 176 -10.09 9.53 -1.76
CA LEU C 176 -9.93 8.48 -2.79
C LEU C 176 -8.50 7.93 -2.83
N GLN C 177 -7.49 8.81 -2.82
CA GLN C 177 -6.08 8.43 -2.83
C GLN C 177 -5.72 7.54 -1.61
N LYS C 178 -6.25 7.88 -0.41
CA LYS C 178 -6.05 7.09 0.82
C LYS C 178 -6.68 5.70 0.69
N LEU C 179 -7.90 5.61 0.15
CA LEU C 179 -8.58 4.33 -0.08
C LEU C 179 -7.78 3.46 -1.06
N CYS C 180 -7.23 4.06 -2.12
CA CYS C 180 -6.39 3.36 -3.11
C CYS C 180 -5.15 2.74 -2.45
N LYS C 181 -4.48 3.49 -1.57
CA LYS C 181 -3.29 3.05 -0.83
C LYS C 181 -3.59 1.96 0.21
N ILE C 182 -4.85 1.87 0.68
CA ILE C 182 -5.33 0.90 1.67
C ILE C 182 -5.84 -0.39 1.01
N HIS C 183 -6.71 -0.26 -0.01
CA HIS C 183 -7.33 -1.40 -0.71
C HIS C 183 -6.38 -2.11 -1.68
N GLN C 184 -5.32 -1.42 -2.16
CA GLN C 184 -4.30 -1.98 -3.06
C GLN C 184 -2.89 -1.41 -2.77
N PRO C 185 -2.24 -1.83 -1.65
CA PRO C 185 -0.90 -1.29 -1.34
C PRO C 185 0.21 -1.83 -2.25
N GLU C 186 -0.04 -2.99 -2.91
CA GLU C 186 0.90 -3.63 -3.84
C GLU C 186 0.90 -2.94 -5.22
N ASN C 187 -0.19 -2.21 -5.55
CA ASN C 187 -0.36 -1.47 -6.79
C ASN C 187 -0.33 0.04 -6.47
N PRO C 188 0.86 0.69 -6.50
CA PRO C 188 0.90 2.13 -6.19
C PRO C 188 0.48 3.02 -7.35
N GLN C 189 0.21 2.42 -8.52
CA GLN C 189 -0.22 3.09 -9.74
C GLN C 189 -1.75 3.26 -9.77
N HIS C 190 -2.46 2.55 -8.87
CA HIS C 190 -3.93 2.48 -8.79
C HIS C 190 -4.65 3.81 -8.80
N PHE C 191 -4.22 4.79 -7.98
CA PHE C 191 -4.89 6.10 -7.94
C PHE C 191 -4.81 6.82 -9.29
N ALA C 192 -3.62 6.81 -9.92
CA ALA C 192 -3.36 7.41 -11.24
C ALA C 192 -4.19 6.74 -12.32
N CYS C 193 -4.32 5.40 -12.24
CA CYS C 193 -5.12 4.58 -13.14
C CYS C 193 -6.57 5.03 -13.10
N LEU C 194 -7.13 5.28 -11.89
CA LEU C 194 -8.50 5.78 -11.72
C LEU C 194 -8.67 7.15 -12.39
N LEU C 195 -7.73 8.08 -12.17
CA LEU C 195 -7.78 9.44 -12.75
C LEU C 195 -7.67 9.45 -14.28
N GLY C 196 -6.98 8.46 -14.85
CA GLY C 196 -6.83 8.29 -16.29
C GLY C 196 -8.14 7.90 -16.96
N ARG C 197 -9.07 7.26 -16.20
CA ARG C 197 -10.40 6.84 -16.69
C ARG C 197 -11.29 8.00 -17.04
N LEU C 198 -11.14 9.12 -16.30
CA LEU C 198 -11.89 10.37 -16.49
C LEU C 198 -11.60 10.98 -17.86
N THR C 199 -10.38 10.77 -18.37
CA THR C 199 -9.96 11.20 -19.69
C THR C 199 -10.70 10.36 -20.75
N GLU C 200 -10.82 9.03 -20.51
CA GLU C 200 -11.53 8.10 -21.41
C GLU C 200 -13.03 8.39 -21.40
N LEU C 201 -13.57 8.81 -20.24
CA LEU C 201 -14.97 9.16 -20.03
C LEU C 201 -15.41 10.32 -20.92
N ARG C 202 -14.54 11.35 -21.08
CA ARG C 202 -14.79 12.57 -21.86
C ARG C 202 -15.02 12.31 -23.37
N THR C 203 -14.43 11.25 -23.92
CA THR C 203 -14.56 10.87 -25.33
C THR C 203 -16.00 10.41 -25.64
N PHE C 204 -16.67 9.72 -24.68
CA PHE C 204 -18.06 9.29 -24.83
C PHE C 204 -19.01 10.47 -24.81
N ASN C 205 -18.70 11.52 -24.03
CA ASN C 205 -19.52 12.71 -23.97
C ASN C 205 -19.39 13.49 -25.28
N HIS C 206 -18.21 13.40 -25.94
CA HIS C 206 -17.98 14.04 -27.23
C HIS C 206 -18.94 13.50 -28.30
N HIS C 207 -19.23 12.18 -28.27
CA HIS C 207 -20.12 11.53 -29.24
C HIS C 207 -21.43 10.98 -28.66
N HIS C 208 -21.87 11.47 -27.47
CA HIS C 208 -23.10 11.01 -26.82
CA HIS C 208 -23.11 10.99 -26.84
C HIS C 208 -24.35 11.28 -27.65
N ALA C 209 -24.47 12.48 -28.25
CA ALA C 209 -25.62 12.88 -29.07
C ALA C 209 -25.75 11.93 -30.27
N GLU C 210 -24.62 11.64 -30.94
CA GLU C 210 -24.51 10.72 -32.08
C GLU C 210 -24.90 9.30 -31.69
N MET C 211 -24.52 8.86 -30.46
CA MET C 211 -24.83 7.52 -29.92
C MET C 211 -26.33 7.30 -29.81
N LEU C 212 -27.08 8.37 -29.53
CA LEU C 212 -28.52 8.30 -29.41
C LEU C 212 -29.19 8.45 -30.75
N MET C 213 -28.69 9.38 -31.60
CA MET C 213 -29.24 9.64 -32.93
C MET C 213 -28.99 8.48 -33.93
N SER C 214 -27.86 7.77 -33.79
CA SER C 214 -27.51 6.64 -34.66
C SER C 214 -28.10 5.30 -34.19
N TRP C 215 -28.92 5.31 -33.12
CA TRP C 215 -29.59 4.11 -32.61
C TRP C 215 -30.52 3.60 -33.69
N ARG C 216 -30.51 2.27 -33.88
CA ARG C 216 -31.26 1.53 -34.89
C ARG C 216 -32.79 1.59 -34.72
N VAL C 217 -33.37 2.81 -34.76
CA VAL C 217 -34.81 3.10 -34.66
C VAL C 217 -35.19 4.20 -35.67
N ASN C 218 -36.49 4.29 -36.05
CA ASN C 218 -36.96 5.30 -37.00
C ASN C 218 -37.24 6.66 -36.34
N ASP C 219 -37.72 6.63 -35.09
CA ASP C 219 -38.07 7.81 -34.31
C ASP C 219 -37.24 7.89 -33.04
N HIS C 220 -36.54 9.01 -32.84
CA HIS C 220 -35.70 9.23 -31.66
C HIS C 220 -36.38 10.26 -30.76
N LYS C 221 -37.35 9.79 -29.95
CA LYS C 221 -38.13 10.62 -29.03
C LYS C 221 -37.46 10.68 -27.67
N PHE C 222 -37.25 11.91 -27.16
CA PHE C 222 -36.67 12.15 -25.84
C PHE C 222 -37.59 13.00 -24.95
N THR C 223 -37.44 12.85 -23.63
CA THR C 223 -38.20 13.58 -22.63
C THR C 223 -37.66 15.02 -22.54
N PRO C 224 -38.49 16.02 -22.13
CA PRO C 224 -37.97 17.40 -22.00
C PRO C 224 -36.73 17.56 -21.12
N LEU C 225 -36.60 16.74 -20.05
CA LEU C 225 -35.46 16.77 -19.14
C LEU C 225 -34.16 16.30 -19.84
N LEU C 226 -34.28 15.25 -20.69
CA LEU C 226 -33.17 14.73 -21.48
C LEU C 226 -32.71 15.77 -22.49
N CYS C 227 -33.66 16.52 -23.09
CA CYS C 227 -33.36 17.58 -24.07
C CYS C 227 -32.52 18.73 -23.48
N GLU C 228 -32.66 19.00 -22.16
CA GLU C 228 -31.96 20.05 -21.44
C GLU C 228 -30.54 19.66 -21.09
N ILE C 229 -30.36 18.40 -20.66
CA ILE C 229 -29.13 17.84 -20.12
C ILE C 229 -28.24 17.22 -21.21
N TRP C 230 -28.83 16.77 -22.33
CA TRP C 230 -28.11 16.09 -23.39
C TRP C 230 -27.99 16.86 -24.71
N ASP C 231 -28.72 17.98 -24.87
CA ASP C 231 -28.75 18.81 -26.07
C ASP C 231 -29.17 17.93 -27.27
N VAL C 232 -30.46 17.60 -27.31
CA VAL C 232 -31.10 16.77 -28.34
C VAL C 232 -32.46 17.36 -28.73
N GLN C 233 -33.01 16.94 -29.91
CA GLN C 233 -34.28 17.38 -30.51
C GLN C 233 -34.37 18.89 -30.70
N HIS D 3 -32.74 25.97 -19.20
CA HIS D 3 -32.62 24.84 -18.27
C HIS D 3 -33.53 24.98 -17.04
N GLN D 4 -34.82 25.30 -17.28
CA GLN D 4 -35.84 25.48 -16.24
C GLN D 4 -36.05 24.25 -15.35
N LEU D 5 -36.07 23.03 -15.94
CA LEU D 5 -36.22 21.77 -15.19
C LEU D 5 -35.00 21.47 -14.30
N LEU D 6 -33.79 21.73 -14.80
CA LEU D 6 -32.55 21.53 -14.04
C LEU D 6 -32.48 22.53 -12.90
N ARG D 7 -32.82 23.81 -13.16
CA ARG D 7 -32.90 24.91 -12.19
C ARG D 7 -33.91 24.56 -11.08
N TYR D 8 -35.08 24.00 -11.46
CA TYR D 8 -36.11 23.56 -10.53
C TYR D 8 -35.59 22.41 -9.66
N LEU D 9 -34.97 21.38 -10.26
CA LEU D 9 -34.42 20.24 -9.52
C LEU D 9 -33.34 20.64 -8.51
N LEU D 10 -32.60 21.72 -8.81
CA LEU D 10 -31.54 22.23 -7.93
C LEU D 10 -32.06 23.09 -6.79
N ASP D 11 -33.03 23.98 -7.08
CA ASP D 11 -33.54 24.94 -6.11
C ASP D 11 -34.54 24.37 -5.08
N LYS D 12 -35.22 23.26 -5.38
CA LYS D 12 -36.16 22.68 -4.40
C LYS D 12 -35.44 21.90 -3.30
N3 9NJ E . 12.71 -5.89 8.69
C4 9NJ E . 11.48 -5.41 10.78
C5 9NJ E . 12.84 -7.01 7.85
C6 9NJ E . 11.24 -9.64 11.05
C7 9NJ E . 12.09 -8.08 8.32
C8 9NJ E . 12.14 -5.43 12.02
C10 9NJ E . 10.56 -8.33 10.43
C13 9NJ E . 10.40 -4.54 10.64
C15 9NJ E . 10.75 -3.82 12.89
C20 9NJ E . 9.18 -8.62 9.77
C21 9NJ E . 13.52 -8.38 6.04
C22 9NJ E . 15.56 -11.61 12.56
C24 9NJ E . 10.02 -3.73 11.71
C26 9NJ E . 13.36 -10.83 11.55
C36 9NJ E . 10.69 -3.38 15.25
O32 9NJ E . 10.35 -3.00 13.93
O25 9NJ E . 13.18 -6.27 12.14
C35 9NJ E . 13.90 -6.27 13.38
N9 9NJ E . 11.79 -4.65 13.06
C1 9NJ E . 11.89 -6.29 9.65
C14 9NJ E . 13.57 -7.16 6.67
F29 9NJ E . 14.23 -8.54 4.90
C27 9NJ E . 12.78 -9.45 6.51
C16 9NJ E . 12.06 -9.31 7.68
N2 9NJ E . 11.49 -7.61 9.50
C33 9NJ E . 8.08 -8.80 10.81
C38 9NJ E . 6.73 -9.13 10.15
C39 9NJ E . 6.31 -8.05 9.16
C37 9NJ E . 7.43 -7.79 8.11
C34 9NJ E . 8.78 -7.50 8.79
O17 9NJ E . 10.55 -10.53 11.54
N11 9NJ E . 12.58 -9.70 11.02
C30 9NJ E . 13.38 -12.01 10.58
C23 9NJ E . 14.12 -13.23 11.18
C18 9NJ E . 15.57 -12.86 11.61
C31 9NJ E . 14.78 -10.43 11.91
C12 9NJ E . 16.28 -14.05 12.24
O19 9NJ E . 17.08 -14.70 11.43
O28 9NJ E . 16.12 -14.36 13.40
N3 9NJ F . -24.55 0.18 -20.87
C4 9NJ F . -25.68 1.80 -22.33
C5 9NJ F . -24.94 -0.69 -19.85
C6 9NJ F . -28.80 1.45 -19.38
C7 9NJ F . -26.31 -0.58 -19.61
C8 9NJ F . -25.68 3.17 -22.04
C10 9NJ F . -28.16 0.89 -20.74
C13 9NJ F . -25.73 1.43 -23.67
C15 9NJ F . -25.74 3.74 -24.27
C20 9NJ F . -29.07 -0.18 -21.40
C21 9NJ F . -24.83 -2.31 -18.14
C22 9NJ F . -27.88 4.29 -15.33
C24 9NJ F . -25.75 2.41 -24.67
C26 9NJ F . -28.41 2.67 -17.24
C36 9NJ F . -26.17 6.00 -24.91
O32 9NJ F . -25.76 4.67 -25.26
O25 9NJ F . -25.63 3.51 -20.74
C35 9NJ F . -24.66 4.47 -20.35
N9 9NJ F . -25.70 4.13 -22.97
C1 9NJ F . -25.65 0.79 -21.25
C14 9NJ F . -24.18 -1.56 -19.09
F29 9NJ F . -24.09 -3.18 -17.40
C27 9NJ F . -26.18 -2.23 -17.88
C16 9NJ F . -26.95 -1.34 -18.64
N2 9NJ F . -26.76 0.39 -20.53
C33 9NJ F . -30.22 0.45 -22.20
C38 9NJ F . -31.16 -0.61 -22.77
C39 9NJ F . -30.41 -1.58 -23.68
C37 9NJ F . -29.19 -2.22 -22.96
C34 9NJ F . -28.28 -1.13 -22.31
O17 9NJ F . -30.00 1.29 -19.13
N11 9NJ F . -27.96 2.10 -18.53
C30 9NJ F . -28.70 1.58 -16.21
C23 9NJ F . -29.24 2.17 -14.91
C18 9NJ F . -28.22 3.18 -14.28
C31 9NJ F . -27.40 3.68 -16.69
C12 9NJ F . -28.74 3.74 -12.96
O19 9NJ F . -28.36 3.04 -11.92
O28 9NJ F . -29.42 4.75 -12.89
#